data_8EQG
#
_entry.id   8EQG
#
_cell.length_a   42.967
_cell.length_b   60.278
_cell.length_c   44.782
_cell.angle_alpha   90.000
_cell.angle_beta   116.337
_cell.angle_gamma   90.000
#
_symmetry.space_group_name_H-M   'P 1 21 1'
#
loop_
_entity.id
_entity.type
_entity.pdbx_description
1 polymer "DNA (5'-D(*AP*AP*DU*AP*AP*AP*TP*GP*GP*AP*AP*GP*TP*GP*GP*G)-3')"
2 polymer "DNA (5'-D(*TP*CP*CP*CP*AP*CP*TP*TP*CP*CP*AP*TP*TP*TP*AP*T)-3')"
3 polymer 'Transcription factor PU.1'
4 non-polymer 'SODIUM ION'
5 water water
#
loop_
_entity_poly.entity_id
_entity_poly.type
_entity_poly.pdbx_seq_one_letter_code
_entity_poly.pdbx_strand_id
1 'polydeoxyribonucleotide' (DA)(DA)(DT)(DA)(DA)(DA)(DU)(DG)(DG)(DA)(DA)(DG)(DT)(DG)(DG)(DG) C
2 'polydeoxyribonucleotide' (DT)(DC)(DC)(DC)(DA)(DC)(DT)(DT)(DC)(DC)(DA)(DT)(DT)(DT)(DA)(DT) D
3 'polypeptide(L)'
;GSKKKIRLYQFLLDLLRSGDMKDSIWWVDKDKGTFQFSSKHKEALAHRWGIQKGNRKKMTYQKMARALRNYGKTGEVKKV
KKKLTYQFSGEVLGRGGLAERRHPPH
;
F
#
# COMPACT_ATOMS: atom_id res chain seq x y z
N LYS C 5 -15.99 -0.36 -5.46
CA LYS C 5 -14.59 -0.61 -5.79
C LYS C 5 -13.71 -0.53 -4.55
N ILE C 6 -12.72 -1.42 -4.51
CA ILE C 6 -11.88 -1.52 -3.34
C ILE C 6 -11.08 -0.23 -3.14
N ARG C 7 -10.85 0.12 -1.87
CA ARG C 7 -10.02 1.26 -1.55
C ARG C 7 -8.55 0.86 -1.53
N LEU C 8 -7.69 1.84 -1.82
CA LEU C 8 -6.27 1.56 -1.90
C LEU C 8 -5.75 0.91 -0.61
N TYR C 9 -6.12 1.46 0.54
CA TYR C 9 -5.55 0.88 1.77
C TYR C 9 -5.99 -0.56 1.94
N GLN C 10 -7.20 -0.90 1.49
CA GLN C 10 -7.68 -2.28 1.60
C GLN C 10 -6.96 -3.20 0.62
N PHE C 11 -6.69 -2.71 -0.59
CA PHE C 11 -5.92 -3.46 -1.56
C PHE C 11 -4.56 -3.85 -0.99
N LEU C 12 -3.91 -2.89 -0.34
CA LEU C 12 -2.59 -3.17 0.23
C LEU C 12 -2.69 -4.13 1.41
N LEU C 13 -3.64 -3.89 2.31
CA LEU C 13 -3.80 -4.79 3.45
C LEU C 13 -4.12 -6.20 2.99
N ASP C 14 -4.94 -6.34 1.96
CA ASP C 14 -5.25 -7.68 1.45
C ASP C 14 -4.03 -8.36 0.86
N LEU C 15 -3.21 -7.61 0.12
CA LEU C 15 -1.98 -8.20 -0.41
C LEU C 15 -1.10 -8.70 0.72
N LEU C 16 -0.94 -7.89 1.77
CA LEU C 16 -0.11 -8.30 2.90
C LEU C 16 -0.67 -9.55 3.56
N ARG C 17 -1.99 -9.66 3.65
CA ARG C 17 -2.59 -10.85 4.25
C ARG C 17 -2.40 -12.09 3.37
N SER C 18 -2.47 -11.92 2.05
CA SER C 18 -2.43 -13.08 1.17
C SER C 18 -0.99 -13.51 0.86
N GLY C 19 -0.05 -12.57 0.90
CA GLY C 19 1.32 -12.84 0.51
C GLY C 19 1.55 -12.97 -0.98
N ASP C 20 0.61 -12.50 -1.81
CA ASP C 20 0.67 -12.78 -3.24
C ASP C 20 1.78 -12.02 -3.96
N MET C 21 2.24 -10.90 -3.39
CA MET C 21 3.30 -10.08 -3.97
C MET C 21 4.36 -9.82 -2.91
N LYS C 22 4.83 -10.90 -2.27
CA LYS C 22 5.76 -10.81 -1.16
C LYS C 22 7.08 -10.17 -1.53
N ASP C 23 7.44 -10.16 -2.81
CA ASP C 23 8.67 -9.51 -3.23
C ASP C 23 8.48 -8.04 -3.50
N SER C 24 7.23 -7.55 -3.47
CA SER C 24 6.96 -6.14 -3.67
C SER C 24 6.58 -5.38 -2.41
N ILE C 25 6.03 -6.08 -1.41
CA ILE C 25 5.54 -5.43 -0.20
C ILE C 25 5.64 -6.44 0.94
N TRP C 26 5.92 -5.95 2.14
CA TRP C 26 6.05 -6.83 3.29
C TRP C 26 5.78 -6.06 4.58
N TRP C 27 5.39 -6.81 5.61
CA TRP C 27 5.27 -6.21 6.92
C TRP C 27 6.67 -5.96 7.49
N VAL C 28 6.79 -4.85 8.21
CA VAL C 28 7.98 -4.58 9.02
C VAL C 28 7.67 -5.06 10.43
N ASP C 29 6.60 -4.53 11.01
CA ASP C 29 6.09 -5.01 12.29
C ASP C 29 4.57 -5.11 12.16
N LYS C 30 4.07 -6.32 11.90
CA LYS C 30 2.64 -6.43 11.60
C LYS C 30 1.79 -6.03 12.79
N ASP C 31 2.29 -6.22 14.01
CA ASP C 31 1.53 -5.85 15.20
C ASP C 31 1.26 -4.35 15.23
N LYS C 32 2.22 -3.57 14.78
CA LYS C 32 2.09 -2.12 14.70
C LYS C 32 1.46 -1.67 13.40
N GLY C 33 1.26 -2.58 12.45
CA GLY C 33 0.77 -2.21 11.14
C GLY C 33 1.76 -1.54 10.23
N THR C 34 3.07 -1.65 10.48
CA THR C 34 4.05 -1.02 9.61
C THR C 34 4.44 -1.97 8.48
N PHE C 35 4.54 -1.41 7.28
CA PHE C 35 4.86 -2.20 6.09
C PHE C 35 5.76 -1.38 5.18
N GLN C 36 6.43 -2.08 4.26
CA GLN C 36 7.43 -1.45 3.42
C GLN C 36 7.34 -1.99 2.01
N PHE C 37 7.50 -1.11 1.03
CA PHE C 37 7.59 -1.50 -0.36
C PHE C 37 9.02 -1.81 -0.77
N SER C 38 9.15 -2.69 -1.77
CA SER C 38 10.42 -3.00 -2.39
C SER C 38 10.85 -1.87 -3.29
N SER C 39 12.09 -1.41 -3.16
CA SER C 39 12.56 -0.40 -4.09
C SER C 39 12.50 -0.91 -5.53
N LYS C 40 12.95 -2.13 -5.77
CA LYS C 40 13.08 -2.63 -7.12
C LYS C 40 11.80 -3.21 -7.69
N HIS C 41 10.83 -3.57 -6.86
CA HIS C 41 9.68 -4.34 -7.33
C HIS C 41 8.35 -3.70 -6.98
N LYS C 42 8.37 -2.45 -6.55
CA LYS C 42 7.12 -1.78 -6.22
C LYS C 42 6.31 -1.44 -7.47
N GLU C 43 6.97 -1.23 -8.60
CA GLU C 43 6.19 -0.83 -9.78
C GLU C 43 5.22 -1.92 -10.20
N ALA C 44 5.61 -3.20 -10.07
CA ALA C 44 4.70 -4.27 -10.45
C ALA C 44 3.44 -4.23 -9.61
N LEU C 45 3.57 -3.90 -8.33
CA LEU C 45 2.41 -3.78 -7.46
C LEU C 45 1.55 -2.58 -7.85
N ALA C 46 2.19 -1.44 -8.14
CA ALA C 46 1.44 -0.28 -8.62
C ALA C 46 0.68 -0.62 -9.89
N HIS C 47 1.31 -1.34 -10.82
CA HIS C 47 0.61 -1.72 -12.05
C HIS C 47 -0.64 -2.50 -11.73
N ARG C 48 -0.55 -3.43 -10.76
CA ARG C 48 -1.69 -4.27 -10.42
CA ARG C 48 -1.70 -4.27 -10.43
C ARG C 48 -2.84 -3.43 -9.86
N TRP C 49 -2.53 -2.44 -9.03
CA TRP C 49 -3.54 -1.55 -8.47
C TRP C 49 -4.32 -0.85 -9.59
N GLY C 50 -3.60 -0.29 -10.57
CA GLY C 50 -4.27 0.41 -11.65
C GLY C 50 -5.15 -0.51 -12.48
N ILE C 51 -4.67 -1.72 -12.77
CA ILE C 51 -5.47 -2.67 -13.52
C ILE C 51 -6.69 -3.10 -12.72
N GLN C 52 -6.55 -3.31 -11.41
CA GLN C 52 -7.70 -3.68 -10.58
C GLN C 52 -8.74 -2.58 -10.60
N LYS C 53 -8.30 -1.32 -10.59
CA LYS C 53 -9.24 -0.20 -10.63
C LYS C 53 -9.80 0.10 -12.00
N GLY C 54 -9.21 -0.44 -13.05
CA GLY C 54 -9.63 -0.12 -14.41
C GLY C 54 -9.32 1.30 -14.85
N ASN C 55 -8.26 1.90 -14.32
CA ASN C 55 -7.93 3.27 -14.65
C ASN C 55 -7.50 3.40 -16.12
N ARG C 56 -7.64 4.62 -16.64
CA ARG C 56 -7.32 4.85 -18.05
C ARG C 56 -5.83 4.69 -18.33
N LYS C 57 -4.98 5.26 -17.47
CA LYS C 57 -3.54 5.21 -17.66
C LYS C 57 -2.91 4.10 -16.83
N LYS C 58 -1.69 3.73 -17.21
CA LYS C 58 -0.89 2.83 -16.39
C LYS C 58 -0.61 3.49 -15.04
N MET C 59 -0.81 2.75 -13.96
CA MET C 59 -0.51 3.26 -12.63
C MET C 59 0.98 3.15 -12.38
N THR C 60 1.52 4.12 -11.68
CA THR C 60 2.91 4.11 -11.26
C THR C 60 2.98 4.17 -9.75
N TYR C 61 4.12 3.80 -9.19
CA TYR C 61 4.29 3.93 -7.75
C TYR C 61 4.15 5.37 -7.32
N GLN C 62 4.67 6.30 -8.12
CA GLN C 62 4.54 7.71 -7.78
C GLN C 62 3.07 8.13 -7.61
N LYS C 63 2.21 7.75 -8.55
CA LYS C 63 0.80 8.13 -8.44
C LYS C 63 0.13 7.39 -7.29
N MET C 64 0.51 6.13 -7.05
CA MET C 64 -0.08 5.39 -5.96
C MET C 64 0.30 6.04 -4.64
N ALA C 65 1.58 6.44 -4.49
CA ALA C 65 2.01 7.10 -3.28
C ALA C 65 1.39 8.48 -3.12
N ARG C 66 1.05 9.15 -4.22
CA ARG C 66 0.30 10.40 -4.13
C ARG C 66 -1.06 10.18 -3.49
N ALA C 67 -1.73 9.10 -3.87
CA ALA C 67 -2.97 8.74 -3.22
C ALA C 67 -2.74 8.36 -1.75
N LEU C 68 -1.68 7.59 -1.46
CA LEU C 68 -1.43 7.22 -0.07
C LEU C 68 -1.26 8.44 0.82
N ARG C 69 -0.58 9.48 0.33
CA ARG C 69 -0.37 10.66 1.15
C ARG C 69 -1.68 11.31 1.59
N ASN C 70 -2.74 11.16 0.80
CA ASN C 70 -4.02 11.75 1.20
C ASN C 70 -4.63 11.10 2.43
N TYR C 71 -4.21 9.89 2.77
CA TYR C 71 -4.69 9.25 3.98
C TYR C 71 -4.04 9.79 5.25
N GLY C 72 -2.95 10.55 5.13
CA GLY C 72 -2.26 11.00 6.32
C GLY C 72 -3.15 11.82 7.23
N LYS C 73 -4.02 12.65 6.65
CA LYS C 73 -4.89 13.51 7.46
C LYS C 73 -5.99 12.70 8.14
N THR C 74 -6.63 11.80 7.41
CA THR C 74 -7.72 11.03 7.98
C THR C 74 -7.23 9.84 8.79
N GLY C 75 -6.00 9.38 8.55
CA GLY C 75 -5.30 8.48 9.45
C GLY C 75 -5.22 7.03 9.01
N GLU C 76 -5.83 6.63 7.90
CA GLU C 76 -5.84 5.21 7.55
C GLU C 76 -4.42 4.68 7.34
N VAL C 77 -3.57 5.48 6.71
CA VAL C 77 -2.19 5.13 6.44
C VAL C 77 -1.38 6.38 6.68
N LYS C 78 -0.26 6.24 7.39
CA LYS C 78 0.67 7.33 7.62
C LYS C 78 2.06 6.93 7.16
N LYS C 79 2.79 7.90 6.64
CA LYS C 79 4.19 7.67 6.29
C LYS C 79 5.02 7.57 7.56
N VAL C 80 5.91 6.58 7.59
CA VAL C 80 6.92 6.39 8.63
C VAL C 80 8.22 6.95 8.11
N LYS C 81 9.06 7.47 9.00
CA LYS C 81 10.35 8.07 8.63
C LYS C 81 11.42 7.01 8.40
N LYS C 82 11.09 6.08 7.50
CA LYS C 82 11.97 5.02 7.04
C LYS C 82 11.64 4.80 5.57
N LYS C 83 12.66 4.40 4.82
CA LYS C 83 12.53 4.29 3.37
C LYS C 83 11.36 3.41 2.98
N LEU C 84 10.47 3.96 2.17
CA LEU C 84 9.37 3.22 1.54
C LEU C 84 8.43 2.60 2.56
N THR C 85 8.37 3.14 3.76
CA THR C 85 7.67 2.52 4.89
C THR C 85 6.47 3.37 5.32
N TYR C 86 5.36 2.68 5.60
CA TYR C 86 4.08 3.29 5.96
C TYR C 86 3.49 2.51 7.13
N GLN C 87 2.37 3.00 7.68
CA GLN C 87 1.74 2.36 8.82
C GLN C 87 0.23 2.50 8.74
N PHE C 88 -0.48 1.38 8.84
CA PHE C 88 -1.93 1.40 8.90
C PHE C 88 -2.37 1.81 10.31
N SER C 89 -3.53 2.47 10.40
CA SER C 89 -4.10 2.77 11.71
C SER C 89 -4.65 1.51 12.37
N GLY C 90 -4.78 1.59 13.70
CA GLY C 90 -5.42 0.52 14.44
C GLY C 90 -6.82 0.22 13.93
N GLU C 91 -7.56 1.26 13.53
CA GLU C 91 -8.91 1.03 13.04
C GLU C 91 -8.91 0.23 11.74
N VAL C 92 -8.00 0.56 10.82
CA VAL C 92 -7.89 -0.22 9.60
C VAL C 92 -7.51 -1.67 9.89
N LEU C 93 -6.55 -1.87 10.79
CA LEU C 93 -6.11 -3.23 11.10
C LEU C 93 -7.23 -4.04 11.71
N GLY C 94 -8.10 -3.41 12.49
CA GLY C 94 -9.15 -4.15 13.16
C GLY C 94 -10.33 -4.50 12.27
N ARG C 95 -10.55 -3.75 11.20
CA ARG C 95 -11.77 -3.88 10.40
C ARG C 95 -11.62 -4.89 9.27
#